data_1X0I
#
_entry.id   1X0I
#
_cell.length_a   102.640
_cell.length_b   102.640
_cell.length_c   109.040
_cell.angle_alpha   90.00
_cell.angle_beta   90.00
_cell.angle_gamma   120.00
#
_symmetry.space_group_name_H-M   'P 6 2 2'
#
loop_
_entity.id
_entity.type
_entity.pdbx_description
1 polymer Bacteriorhodopsin
2 non-polymer 'SULFATE ION'
3 non-polymer RETINAL
4 non-polymer "2,3-DI-O-PHYTANLY-3-SN-GLYCERO-1-PHOSPHORYL-3'-SN-GLYCEROL-1'-PHOSPHATE"
5 non-polymer 2,3-DI-PHYTANYL-GLYCEROL
6 water water
#
_entity_poly.entity_id   1
_entity_poly.type   'polypeptide(L)'
_entity_poly.pdbx_seq_one_letter_code
;QAQITGRPEWIWLALGTALMGLGTLYFLVKGMGVSDPDAKKFYAITTLVPAIAFTMYLSMLLGYGLTMVPFGGEQNPIYW
ARYADWLFTTPLLLLDLALLVDADQGTILALVGADGIMIGTGLVGALTKVYSYRFVWWAISTAAMLYILYVLFFGFTSKA
ESMRPEVASTFKVLRNVTVVLWSAYPVVWLIGSEGAGIVPLNIETLLFMVLDVSAKVGFGLILLRSRAIFGEAEAPEPSA
GDGAAATS
;
_entity_poly.pdbx_strand_id   1
#
loop_
_chem_comp.id
_chem_comp.type
_chem_comp.name
_chem_comp.formula
L2P non-polymer 2,3-DI-PHYTANYL-GLYCEROL 'C43 H88 O3'
L3P non-polymer 2,3-DI-O-PHYTANLY-3-SN-GLYCERO-1-PHOSPHORYL-3'-SN-GLYCEROL-1'-PHOSPHATE 'C46 H94 O11 P2 -2'
RET non-polymer RETINAL 'C20 H28 O'
SO4 non-polymer 'SULFATE ION' 'O4 S -2'
#
# COMPACT_ATOMS: atom_id res chain seq x y z
N PRO A 8 -7.99 23.25 2.35
CA PRO A 8 -6.71 23.39 1.61
C PRO A 8 -5.93 22.08 1.62
N GLU A 9 -5.47 21.67 0.44
CA GLU A 9 -4.72 20.44 0.31
C GLU A 9 -3.31 20.47 0.86
N TRP A 10 -2.67 21.62 0.79
CA TRP A 10 -1.30 21.74 1.27
C TRP A 10 -1.08 21.19 2.68
N ILE A 11 -2.03 21.41 3.57
CA ILE A 11 -1.88 20.93 4.94
C ILE A 11 -2.12 19.43 5.08
N TRP A 12 -2.81 18.85 4.11
CA TRP A 12 -3.05 17.41 4.11
C TRP A 12 -1.79 16.81 3.50
N LEU A 13 -1.26 17.47 2.47
CA LEU A 13 -0.05 17.00 1.83
C LEU A 13 1.17 17.27 2.71
N ALA A 14 1.07 18.27 3.59
CA ALA A 14 2.18 18.61 4.51
C ALA A 14 2.29 17.54 5.59
N LEU A 15 1.15 17.16 6.15
CA LEU A 15 1.11 16.14 7.19
C LEU A 15 1.59 14.80 6.64
N GLY A 16 1.08 14.42 5.46
CA GLY A 16 1.47 13.16 4.85
C GLY A 16 2.97 13.09 4.71
N THR A 17 3.55 14.16 4.20
CA THR A 17 4.99 14.23 4.04
C THR A 17 5.66 14.00 5.40
N ALA A 18 5.06 14.56 6.45
CA ALA A 18 5.61 14.45 7.78
C ALA A 18 5.52 13.06 8.37
N LEU A 19 4.33 12.47 8.33
CA LEU A 19 4.16 11.14 8.87
C LEU A 19 4.97 10.10 8.12
N MET A 20 5.02 10.20 6.79
CA MET A 20 5.80 9.24 6.03
C MET A 20 7.26 9.43 6.44
N GLY A 21 7.72 10.68 6.49
CA GLY A 21 9.10 10.93 6.89
C GLY A 21 9.43 10.44 8.29
N LEU A 22 8.51 10.64 9.23
CA LEU A 22 8.73 10.20 10.60
C LEU A 22 8.74 8.69 10.70
N GLY A 23 7.82 8.06 9.98
CA GLY A 23 7.73 6.62 9.99
C GLY A 23 9.01 6.01 9.44
N THR A 24 9.50 6.53 8.32
CA THR A 24 10.73 5.95 7.77
C THR A 24 11.90 6.18 8.73
N LEU A 25 11.93 7.34 9.38
CA LEU A 25 12.99 7.61 10.35
C LEU A 25 12.90 6.61 11.50
N TYR A 26 11.72 6.47 12.07
CA TYR A 26 11.53 5.53 13.18
C TYR A 26 11.91 4.12 12.73
N PHE A 27 11.42 3.69 11.58
CA PHE A 27 11.74 2.36 11.08
C PHE A 27 13.25 2.18 10.97
N LEU A 28 13.92 3.23 10.53
CA LEU A 28 15.36 3.20 10.38
C LEU A 28 16.08 3.01 11.72
N VAL A 29 15.57 3.67 12.75
CA VAL A 29 16.16 3.58 14.07
C VAL A 29 16.02 2.18 14.66
N LYS A 30 14.80 1.67 14.66
CA LYS A 30 14.50 0.35 15.19
C LYS A 30 15.26 -0.77 14.49
N GLY A 31 15.57 -0.58 13.21
CA GLY A 31 16.29 -1.61 12.47
C GLY A 31 17.81 -1.52 12.55
N MET A 32 18.33 -0.40 13.04
CA MET A 32 19.77 -0.22 13.15
C MET A 32 20.55 -1.43 13.67
N GLY A 33 20.10 -1.98 14.80
CA GLY A 33 20.82 -3.12 15.36
C GLY A 33 20.22 -4.50 15.11
N VAL A 34 19.94 -4.81 13.85
CA VAL A 34 19.36 -6.11 13.50
C VAL A 34 20.28 -7.04 12.72
N SER A 35 20.59 -8.20 13.32
CA SER A 35 21.49 -9.16 12.69
C SER A 35 20.75 -10.31 11.99
N ASP A 36 19.64 -10.73 12.56
CA ASP A 36 18.88 -11.82 11.97
C ASP A 36 18.52 -11.45 10.54
N PRO A 37 19.08 -12.18 9.56
CA PRO A 37 18.79 -11.89 8.16
C PRO A 37 17.30 -11.89 7.80
N ASP A 38 16.50 -12.68 8.50
CA ASP A 38 15.07 -12.71 8.20
C ASP A 38 14.52 -11.33 8.51
N ALA A 39 14.86 -10.83 9.70
CA ALA A 39 14.39 -9.52 10.14
C ALA A 39 14.93 -8.41 9.25
N LYS A 40 16.16 -8.58 8.77
CA LYS A 40 16.78 -7.58 7.92
C LYS A 40 15.96 -7.35 6.66
N LYS A 41 15.46 -8.43 6.06
CA LYS A 41 14.65 -8.31 4.85
C LYS A 41 13.38 -7.55 5.17
N PHE A 42 12.70 -7.96 6.22
CA PHE A 42 11.46 -7.29 6.59
C PHE A 42 11.71 -5.79 6.86
N TYR A 43 12.78 -5.48 7.57
CA TYR A 43 13.09 -4.07 7.85
C TYR A 43 13.38 -3.32 6.56
N ALA A 44 14.22 -3.90 5.72
CA ALA A 44 14.57 -3.27 4.47
C ALA A 44 13.33 -3.06 3.61
N ILE A 45 12.55 -4.12 3.40
CA ILE A 45 11.35 -4.02 2.59
C ILE A 45 10.40 -2.99 3.14
N THR A 46 10.07 -3.15 4.41
CA THR A 46 9.13 -2.28 5.08
C THR A 46 9.54 -0.83 5.19
N THR A 47 10.83 -0.57 5.35
CA THR A 47 11.32 0.80 5.48
C THR A 47 11.33 1.52 4.13
N LEU A 48 11.56 0.77 3.05
CA LEU A 48 11.59 1.38 1.71
C LEU A 48 10.23 1.92 1.32
N VAL A 49 9.18 1.19 1.69
CA VAL A 49 7.82 1.58 1.33
C VAL A 49 7.60 2.97 1.84
N PRO A 50 7.52 3.11 3.18
CA PRO A 50 7.31 4.52 3.50
C PRO A 50 8.49 5.47 3.01
N ALA A 51 9.74 5.03 2.83
CA ALA A 51 10.74 6.01 2.36
C ALA A 51 10.38 6.59 1.00
N ILE A 52 9.77 5.77 0.15
CA ILE A 52 9.37 6.19 -1.19
C ILE A 52 8.17 7.13 -1.16
N ALA A 53 7.15 6.77 -0.38
CA ALA A 53 5.97 7.60 -0.30
C ALA A 53 6.39 8.98 0.19
N PHE A 54 7.37 9.00 1.08
CA PHE A 54 7.89 10.26 1.61
C PHE A 54 8.28 11.20 0.47
N THR A 55 9.17 10.75 -0.41
CA THR A 55 9.61 11.61 -1.50
C THR A 55 8.44 11.97 -2.40
N MET A 56 7.49 11.05 -2.55
CA MET A 56 6.32 11.31 -3.41
C MET A 56 5.43 12.40 -2.84
N TYR A 57 5.15 12.34 -1.53
CA TYR A 57 4.32 13.37 -0.92
C TYR A 57 5.04 14.70 -0.93
N LEU A 58 6.35 14.68 -0.71
CA LEU A 58 7.10 15.93 -0.74
C LEU A 58 6.94 16.60 -2.11
N SER A 59 6.99 15.83 -3.20
CA SER A 59 6.84 16.44 -4.52
C SER A 59 5.43 17.01 -4.69
N MET A 60 4.44 16.36 -4.09
CA MET A 60 3.09 16.89 -4.18
C MET A 60 3.01 18.19 -3.39
N LEU A 61 3.63 18.22 -2.21
CA LEU A 61 3.62 19.43 -1.39
C LEU A 61 4.32 20.59 -2.11
N LEU A 62 5.51 20.34 -2.63
CA LEU A 62 6.25 21.38 -3.33
C LEU A 62 5.64 21.62 -4.70
N GLY A 63 4.75 20.73 -5.10
CA GLY A 63 4.12 20.84 -6.40
C GLY A 63 3.30 22.10 -6.57
N TYR A 64 2.87 22.70 -5.47
CA TYR A 64 2.07 23.92 -5.50
C TYR A 64 2.90 25.20 -5.65
N GLY A 65 2.71 25.88 -6.78
CA GLY A 65 3.45 27.10 -7.04
C GLY A 65 3.83 27.22 -8.50
N PRO A 77 -7.63 18.16 -12.14
CA PRO A 77 -6.75 17.70 -11.06
C PRO A 77 -5.60 16.82 -11.58
N ILE A 78 -5.69 15.53 -11.29
CA ILE A 78 -4.69 14.57 -11.73
C ILE A 78 -3.34 14.78 -11.05
N TYR A 79 -2.81 13.72 -10.44
CA TYR A 79 -1.52 13.77 -9.76
C TYR A 79 -0.73 12.50 -10.01
N TRP A 80 0.27 12.59 -10.87
CA TRP A 80 1.10 11.45 -11.19
C TRP A 80 1.85 10.92 -9.96
N ALA A 81 2.29 11.83 -9.10
CA ALA A 81 3.01 11.45 -7.90
C ALA A 81 2.19 10.47 -7.06
N ARG A 82 0.87 10.67 -7.05
CA ARG A 82 -0.01 9.82 -6.28
C ARG A 82 -0.03 8.39 -6.80
N TYR A 83 0.00 8.22 -8.11
CA TYR A 83 -0.03 6.90 -8.72
C TYR A 83 1.32 6.22 -8.77
N ALA A 84 2.38 7.02 -8.92
CA ALA A 84 3.73 6.48 -8.93
C ALA A 84 4.03 5.94 -7.53
N ASP A 85 3.59 6.68 -6.51
CA ASP A 85 3.80 6.22 -5.14
C ASP A 85 3.20 4.84 -5.02
N TRP A 86 1.91 4.73 -5.36
CA TRP A 86 1.22 3.46 -5.27
C TRP A 86 1.89 2.38 -6.12
N LEU A 87 2.27 2.75 -7.33
CA LEU A 87 2.91 1.81 -8.24
C LEU A 87 4.19 1.20 -7.65
N PHE A 88 5.03 2.04 -7.05
CA PHE A 88 6.27 1.51 -6.52
C PHE A 88 6.18 0.86 -5.14
N THR A 89 5.23 1.30 -4.34
CA THR A 89 5.08 0.78 -2.99
C THR A 89 4.19 -0.45 -2.76
N THR A 90 3.11 -0.58 -3.53
CA THR A 90 2.23 -1.73 -3.35
C THR A 90 2.94 -3.06 -3.52
N PRO A 91 3.86 -3.15 -4.50
CA PRO A 91 4.57 -4.44 -4.69
C PRO A 91 5.35 -4.88 -3.47
N LEU A 92 6.05 -3.94 -2.84
CA LEU A 92 6.84 -4.21 -1.64
C LEU A 92 5.92 -4.66 -0.52
N LEU A 93 4.78 -4.00 -0.40
CA LEU A 93 3.81 -4.35 0.64
C LEU A 93 3.42 -5.82 0.48
N LEU A 94 3.09 -6.24 -0.73
CA LEU A 94 2.74 -7.65 -0.91
C LEU A 94 3.95 -8.54 -0.63
N LEU A 95 5.14 -8.10 -0.99
CA LEU A 95 6.34 -8.90 -0.75
C LEU A 95 6.44 -9.21 0.75
N ASP A 96 6.18 -8.20 1.58
CA ASP A 96 6.21 -8.39 3.03
C ASP A 96 5.33 -9.57 3.45
N LEU A 97 4.07 -9.53 3.00
CA LEU A 97 3.11 -10.58 3.31
C LEU A 97 3.58 -11.91 2.74
N ALA A 98 4.08 -11.87 1.50
CA ALA A 98 4.55 -13.08 0.83
C ALA A 98 5.66 -13.76 1.62
N LEU A 99 6.68 -13.00 1.98
CA LEU A 99 7.81 -13.54 2.73
C LEU A 99 7.35 -14.03 4.11
N LEU A 100 6.48 -13.27 4.75
CA LEU A 100 5.98 -13.65 6.07
C LEU A 100 5.36 -15.04 6.06
N VAL A 101 4.72 -15.40 4.96
CA VAL A 101 4.06 -16.68 4.86
C VAL A 101 4.84 -17.67 3.99
N ASP A 102 6.06 -17.30 3.62
CA ASP A 102 6.92 -18.14 2.78
C ASP A 102 6.21 -18.56 1.49
N ALA A 103 5.49 -17.61 0.89
CA ALA A 103 4.75 -17.84 -0.35
C ALA A 103 5.64 -18.31 -1.50
N ASP A 104 5.06 -19.05 -2.43
CA ASP A 104 5.79 -19.56 -3.60
C ASP A 104 6.18 -18.43 -4.56
N GLN A 105 7.25 -18.62 -5.30
CA GLN A 105 7.72 -17.61 -6.25
C GLN A 105 6.69 -17.30 -7.31
N GLY A 106 6.03 -18.34 -7.81
CA GLY A 106 5.03 -18.14 -8.83
C GLY A 106 3.91 -17.25 -8.32
N THR A 107 3.41 -17.55 -7.13
CA THR A 107 2.33 -16.77 -6.57
C THR A 107 2.78 -15.36 -6.24
N ILE A 108 4.06 -15.20 -5.92
CA ILE A 108 4.59 -13.88 -5.63
C ILE A 108 4.62 -13.11 -6.94
N LEU A 109 5.13 -13.76 -7.98
CA LEU A 109 5.20 -13.12 -9.28
C LEU A 109 3.80 -12.75 -9.78
N ALA A 110 2.82 -13.59 -9.47
CA ALA A 110 1.44 -13.34 -9.90
C ALA A 110 0.85 -12.14 -9.14
N LEU A 111 1.19 -12.00 -7.86
CA LEU A 111 0.70 -10.88 -7.05
C LEU A 111 1.20 -9.54 -7.59
N VAL A 112 2.52 -9.45 -7.80
CA VAL A 112 3.13 -8.21 -8.31
C VAL A 112 2.64 -7.85 -9.69
N GLY A 113 2.50 -8.84 -10.57
CA GLY A 113 2.00 -8.56 -11.90
C GLY A 113 0.57 -8.04 -11.81
N ALA A 114 -0.26 -8.73 -11.05
CA ALA A 114 -1.65 -8.29 -10.89
C ALA A 114 -1.64 -6.87 -10.33
N ASP A 115 -0.75 -6.63 -9.36
CA ASP A 115 -0.64 -5.32 -8.74
C ASP A 115 -0.23 -4.26 -9.75
N GLY A 116 0.83 -4.55 -10.50
CA GLY A 116 1.27 -3.58 -11.50
C GLY A 116 0.11 -3.26 -12.42
N ILE A 117 -0.70 -4.25 -12.73
CA ILE A 117 -1.85 -4.05 -13.61
C ILE A 117 -2.91 -3.19 -12.95
N MET A 118 -3.13 -3.44 -11.67
CA MET A 118 -4.14 -2.69 -10.91
C MET A 118 -3.85 -1.20 -10.90
N ILE A 119 -2.59 -0.84 -10.65
CA ILE A 119 -2.22 0.57 -10.61
C ILE A 119 -2.15 1.22 -11.98
N GLY A 120 -1.46 0.57 -12.92
CA GLY A 120 -1.34 1.13 -14.25
C GLY A 120 -2.72 1.37 -14.84
N THR A 121 -3.54 0.35 -14.76
CA THR A 121 -4.90 0.40 -15.27
C THR A 121 -5.70 1.53 -14.60
N GLY A 122 -5.46 1.75 -13.31
CA GLY A 122 -6.20 2.81 -12.63
C GLY A 122 -5.75 4.19 -13.07
N LEU A 123 -4.49 4.32 -13.48
CA LEU A 123 -3.97 5.60 -13.94
C LEU A 123 -4.57 5.95 -15.30
N VAL A 124 -4.74 4.95 -16.15
CA VAL A 124 -5.31 5.20 -17.46
C VAL A 124 -6.75 5.68 -17.28
N GLY A 125 -7.46 5.08 -16.33
CA GLY A 125 -8.82 5.50 -16.08
C GLY A 125 -8.86 6.94 -15.66
N ALA A 126 -7.99 7.29 -14.71
CA ALA A 126 -7.93 8.65 -14.22
C ALA A 126 -7.63 9.63 -15.36
N LEU A 127 -6.79 9.19 -16.30
CA LEU A 127 -6.43 10.04 -17.43
C LEU A 127 -7.43 9.99 -18.58
N THR A 128 -8.55 9.31 -18.37
CA THR A 128 -9.57 9.20 -19.40
C THR A 128 -10.74 10.13 -19.09
N LYS A 129 -11.31 10.70 -20.14
CA LYS A 129 -12.42 11.64 -20.03
C LYS A 129 -13.79 10.99 -20.09
N VAL A 130 -14.00 10.11 -21.07
CA VAL A 130 -15.29 9.42 -21.22
C VAL A 130 -15.54 8.50 -20.02
N TYR A 131 -16.55 8.82 -19.22
CA TYR A 131 -16.88 8.01 -18.05
C TYR A 131 -16.99 6.54 -18.41
N SER A 132 -17.57 6.29 -19.58
CA SER A 132 -17.76 4.92 -20.07
C SER A 132 -16.42 4.18 -20.14
N TYR A 133 -15.45 4.81 -20.77
CA TYR A 133 -14.12 4.23 -20.91
C TYR A 133 -13.51 4.08 -19.52
N ARG A 134 -13.54 5.16 -18.77
CA ARG A 134 -13.01 5.17 -17.42
C ARG A 134 -13.61 4.01 -16.63
N PHE A 135 -14.89 3.74 -16.89
CA PHE A 135 -15.58 2.66 -16.21
C PHE A 135 -14.91 1.31 -16.48
N VAL A 136 -14.55 1.07 -17.74
CA VAL A 136 -13.90 -0.18 -18.08
C VAL A 136 -12.56 -0.31 -17.36
N TRP A 137 -11.75 0.73 -17.42
CA TRP A 137 -10.46 0.69 -16.74
C TRP A 137 -10.66 0.41 -15.25
N TRP A 138 -11.64 1.09 -14.65
CA TRP A 138 -11.96 0.92 -13.24
C TRP A 138 -12.27 -0.54 -12.94
N ALA A 139 -13.10 -1.15 -13.79
CA ALA A 139 -13.50 -2.54 -13.61
C ALA A 139 -12.31 -3.51 -13.66
N ILE A 140 -11.45 -3.33 -14.66
CA ILE A 140 -10.26 -4.18 -14.79
C ILE A 140 -9.36 -4.02 -13.55
N SER A 141 -9.21 -2.77 -13.09
CA SER A 141 -8.38 -2.49 -11.92
C SER A 141 -8.94 -3.17 -10.67
N THR A 142 -10.23 -3.01 -10.44
CA THR A 142 -10.88 -3.60 -9.28
C THR A 142 -10.83 -5.14 -9.35
N ALA A 143 -10.91 -5.66 -10.57
CA ALA A 143 -10.85 -7.11 -10.73
C ALA A 143 -9.46 -7.55 -10.28
N ALA A 144 -8.45 -6.78 -10.66
CA ALA A 144 -7.08 -7.10 -10.29
C ALA A 144 -6.91 -7.03 -8.78
N MET A 145 -7.46 -6.00 -8.16
CA MET A 145 -7.35 -5.89 -6.70
C MET A 145 -8.06 -7.07 -6.01
N LEU A 146 -9.26 -7.38 -6.46
CA LEU A 146 -10.01 -8.47 -5.86
C LEU A 146 -9.22 -9.77 -5.96
N TYR A 147 -8.50 -9.94 -7.07
CA TYR A 147 -7.68 -11.12 -7.27
C TYR A 147 -6.62 -11.16 -6.17
N ILE A 148 -5.90 -10.05 -6.03
CA ILE A 148 -4.85 -9.94 -5.01
C ILE A 148 -5.40 -10.22 -3.62
N LEU A 149 -6.49 -9.53 -3.26
CA LEU A 149 -7.09 -9.74 -1.95
C LEU A 149 -7.51 -11.19 -1.77
N TYR A 150 -8.15 -11.75 -2.79
CA TYR A 150 -8.58 -13.15 -2.73
C TYR A 150 -7.42 -14.04 -2.30
N VAL A 151 -6.28 -13.87 -2.97
CA VAL A 151 -5.11 -14.67 -2.66
C VAL A 151 -4.57 -14.36 -1.27
N LEU A 152 -4.63 -13.09 -0.87
CA LEU A 152 -4.13 -12.73 0.45
C LEU A 152 -4.99 -13.33 1.55
N PHE A 153 -6.30 -13.17 1.44
CA PHE A 153 -7.19 -13.68 2.46
C PHE A 153 -7.23 -15.20 2.59
N PHE A 154 -7.25 -15.89 1.47
CA PHE A 154 -7.34 -17.34 1.50
C PHE A 154 -6.02 -18.10 1.41
N GLY A 155 -5.41 -18.08 0.23
CA GLY A 155 -4.16 -18.79 0.03
C GLY A 155 -3.12 -18.49 1.11
N PHE A 156 -2.84 -17.22 1.35
CA PHE A 156 -1.83 -16.87 2.34
C PHE A 156 -2.21 -17.32 3.75
N THR A 157 -3.50 -17.25 4.08
CA THR A 157 -3.94 -17.69 5.41
C THR A 157 -3.66 -19.17 5.58
N SER A 158 -3.98 -19.97 4.56
CA SER A 158 -3.71 -21.41 4.66
C SER A 158 -2.19 -21.61 4.86
N LYS A 159 -1.42 -20.93 4.02
CA LYS A 159 0.04 -21.03 4.07
C LYS A 159 0.54 -20.57 5.46
N ALA A 160 -0.10 -19.54 5.99
CA ALA A 160 0.27 -18.99 7.29
C ALA A 160 -0.06 -19.99 8.41
N GLU A 161 -0.88 -20.97 8.08
CA GLU A 161 -1.29 -21.96 9.07
C GLU A 161 -0.18 -22.96 9.38
N SER A 162 0.87 -22.95 8.59
CA SER A 162 1.98 -23.86 8.82
C SER A 162 3.12 -23.19 9.60
N MET A 163 2.89 -21.96 10.05
CA MET A 163 3.89 -21.21 10.80
C MET A 163 3.55 -21.20 12.29
N ARG A 164 4.53 -20.87 13.14
CA ARG A 164 4.29 -20.82 14.57
C ARG A 164 3.17 -19.81 14.82
N PRO A 165 2.40 -19.99 15.90
CA PRO A 165 1.30 -19.06 16.20
C PRO A 165 1.65 -17.56 16.13
N GLU A 166 2.85 -17.20 16.57
CA GLU A 166 3.27 -15.80 16.53
C GLU A 166 3.20 -15.20 15.12
N VAL A 167 3.68 -15.96 14.14
CA VAL A 167 3.67 -15.51 12.74
C VAL A 167 2.25 -15.61 12.18
N ALA A 168 1.51 -16.64 12.57
CA ALA A 168 0.16 -16.81 12.07
C ALA A 168 -0.73 -15.64 12.47
N SER A 169 -0.65 -15.27 13.75
CA SER A 169 -1.47 -14.16 14.24
C SER A 169 -1.03 -12.80 13.69
N THR A 170 0.27 -12.57 13.52
CA THR A 170 0.69 -11.29 12.99
C THR A 170 0.19 -11.18 11.56
N PHE A 171 0.27 -12.27 10.81
CA PHE A 171 -0.21 -12.20 9.45
C PHE A 171 -1.69 -11.86 9.40
N LYS A 172 -2.49 -12.51 10.24
CA LYS A 172 -3.94 -12.26 10.26
C LYS A 172 -4.28 -10.80 10.42
N VAL A 173 -3.57 -10.12 11.30
CA VAL A 173 -3.80 -8.70 11.55
C VAL A 173 -3.44 -7.90 10.30
N LEU A 174 -2.27 -8.15 9.73
CA LEU A 174 -1.84 -7.44 8.53
C LEU A 174 -2.79 -7.74 7.39
N ARG A 175 -3.25 -8.98 7.32
CA ARG A 175 -4.19 -9.40 6.29
C ARG A 175 -5.47 -8.59 6.40
N ASN A 176 -6.04 -8.54 7.60
CA ASN A 176 -7.28 -7.80 7.83
C ASN A 176 -7.12 -6.33 7.49
N VAL A 177 -6.10 -5.70 8.07
CA VAL A 177 -5.84 -4.29 7.82
C VAL A 177 -5.60 -4.03 6.34
N THR A 178 -4.90 -4.93 5.66
CA THR A 178 -4.63 -4.71 4.24
C THR A 178 -5.88 -4.84 3.38
N VAL A 179 -6.64 -5.92 3.56
CA VAL A 179 -7.85 -6.13 2.76
C VAL A 179 -8.85 -4.98 2.96
N VAL A 180 -8.95 -4.49 4.18
CA VAL A 180 -9.86 -3.40 4.47
C VAL A 180 -9.35 -2.08 3.89
N LEU A 181 -8.13 -1.69 4.22
CA LEU A 181 -7.60 -0.43 3.72
C LEU A 181 -7.54 -0.37 2.20
N TRP A 182 -7.07 -1.45 1.58
CA TRP A 182 -6.96 -1.46 0.12
C TRP A 182 -8.32 -1.33 -0.59
N SER A 183 -9.36 -1.94 -0.05
CA SER A 183 -10.69 -1.86 -0.65
C SER A 183 -11.26 -0.45 -0.63
N ALA A 184 -10.83 0.36 0.34
CA ALA A 184 -11.33 1.72 0.45
C ALA A 184 -10.87 2.67 -0.64
N TYR A 185 -9.74 2.35 -1.29
CA TYR A 185 -9.22 3.21 -2.34
C TYR A 185 -10.18 3.39 -3.52
N PRO A 186 -10.59 2.30 -4.16
CA PRO A 186 -11.51 2.51 -5.28
C PRO A 186 -12.81 3.23 -4.83
N VAL A 187 -13.22 3.03 -3.59
CA VAL A 187 -14.43 3.69 -3.10
C VAL A 187 -14.20 5.17 -2.93
N VAL A 188 -13.04 5.55 -2.40
CA VAL A 188 -12.72 6.96 -2.24
C VAL A 188 -12.58 7.57 -3.63
N TRP A 189 -12.02 6.79 -4.54
CA TRP A 189 -11.83 7.22 -5.92
C TRP A 189 -13.20 7.46 -6.56
N LEU A 190 -14.17 6.65 -6.16
CA LEU A 190 -15.52 6.73 -6.69
C LEU A 190 -16.31 7.96 -6.25
N ILE A 191 -16.07 8.42 -5.02
CA ILE A 191 -16.79 9.59 -4.52
C ILE A 191 -16.10 10.89 -4.87
N GLY A 192 -14.91 10.79 -5.47
CA GLY A 192 -14.17 11.97 -5.86
C GLY A 192 -14.66 12.62 -7.12
N SER A 193 -13.74 13.07 -7.97
CA SER A 193 -14.10 13.75 -9.21
C SER A 193 -14.25 12.83 -10.41
N GLU A 194 -13.76 11.60 -10.30
CA GLU A 194 -13.87 10.65 -11.41
C GLU A 194 -15.14 9.82 -11.29
N GLY A 195 -15.93 10.08 -10.26
CA GLY A 195 -17.17 9.35 -10.06
C GLY A 195 -18.26 10.27 -9.53
N ALA A 196 -18.93 9.85 -8.47
CA ALA A 196 -19.96 10.69 -7.87
C ALA A 196 -19.18 11.86 -7.27
N GLY A 197 -19.20 13.01 -7.94
CA GLY A 197 -18.46 14.15 -7.43
C GLY A 197 -18.95 14.69 -6.12
N ILE A 198 -19.14 13.83 -5.12
CA ILE A 198 -19.63 14.25 -3.81
C ILE A 198 -18.55 14.91 -2.95
N VAL A 199 -17.35 14.35 -2.98
CA VAL A 199 -16.25 14.86 -2.18
C VAL A 199 -15.34 15.80 -2.96
N PRO A 200 -15.09 17.01 -2.42
CA PRO A 200 -14.21 17.98 -3.10
C PRO A 200 -12.75 17.51 -3.11
N LEU A 201 -11.90 18.25 -3.79
CA LEU A 201 -10.49 17.87 -3.89
C LEU A 201 -9.70 17.76 -2.58
N ASN A 202 -9.71 18.82 -1.77
CA ASN A 202 -8.96 18.81 -0.53
C ASN A 202 -9.31 17.62 0.37
N ILE A 203 -10.59 17.27 0.43
CA ILE A 203 -11.02 16.15 1.26
C ILE A 203 -10.53 14.83 0.64
N GLU A 204 -10.64 14.73 -0.68
CA GLU A 204 -10.20 13.54 -1.39
C GLU A 204 -8.72 13.31 -1.07
N THR A 205 -7.95 14.38 -1.15
CA THR A 205 -6.53 14.33 -0.87
C THR A 205 -6.32 13.85 0.57
N LEU A 206 -7.15 14.35 1.49
CA LEU A 206 -7.05 13.99 2.89
C LEU A 206 -7.27 12.49 3.08
N LEU A 207 -8.39 12.00 2.59
CA LEU A 207 -8.73 10.59 2.74
C LEU A 207 -7.64 9.68 2.18
N PHE A 208 -7.13 10.00 0.99
CA PHE A 208 -6.07 9.18 0.41
C PHE A 208 -4.83 9.24 1.33
N MET A 209 -4.58 10.39 1.94
CA MET A 209 -3.44 10.54 2.84
C MET A 209 -3.62 9.64 4.04
N VAL A 210 -4.81 9.62 4.60
CA VAL A 210 -5.06 8.77 5.75
C VAL A 210 -4.88 7.31 5.34
N LEU A 211 -5.39 6.94 4.16
CA LEU A 211 -5.24 5.58 3.68
C LEU A 211 -3.76 5.25 3.47
N ASP A 212 -3.01 6.15 2.84
CA ASP A 212 -1.58 5.92 2.60
C ASP A 212 -0.74 5.74 3.86
N VAL A 213 -0.97 6.57 4.88
CA VAL A 213 -0.20 6.48 6.11
C VAL A 213 -0.49 5.19 6.86
N SER A 214 -1.77 4.83 6.91
CA SER A 214 -2.19 3.63 7.59
C SER A 214 -1.70 2.37 6.88
N ALA A 215 -1.88 2.34 5.56
CA ALA A 215 -1.45 1.20 4.75
C ALA A 215 0.06 1.00 4.69
N LYS A 216 0.82 2.03 5.03
CA LYS A 216 2.29 1.97 5.01
C LYS A 216 2.91 2.02 6.39
N VAL A 217 2.75 3.13 7.09
CA VAL A 217 3.29 3.27 8.44
C VAL A 217 2.54 2.35 9.42
N GLY A 218 1.21 2.36 9.35
CA GLY A 218 0.41 1.52 10.22
C GLY A 218 0.82 0.07 10.08
N PHE A 219 0.86 -0.39 8.84
CA PHE A 219 1.24 -1.75 8.48
C PHE A 219 2.66 -2.02 9.02
N GLY A 220 3.57 -1.09 8.77
CA GLY A 220 4.94 -1.26 9.24
C GLY A 220 5.08 -1.43 10.74
N LEU A 221 4.34 -0.61 11.49
CA LEU A 221 4.35 -0.68 12.96
C LEU A 221 3.92 -2.07 13.40
N ILE A 222 2.81 -2.53 12.85
CA ILE A 222 2.30 -3.84 13.19
C ILE A 222 3.32 -4.94 12.92
N LEU A 223 3.96 -4.88 11.76
CA LEU A 223 4.93 -5.91 11.38
C LEU A 223 6.27 -5.80 12.11
N LEU A 224 6.85 -4.60 12.16
CA LEU A 224 8.14 -4.43 12.80
C LEU A 224 8.13 -4.47 14.32
N ARG A 225 6.95 -4.50 14.93
CA ARG A 225 6.89 -4.57 16.39
C ARG A 225 6.71 -6.02 16.82
N SER A 226 6.21 -6.85 15.91
CA SER A 226 5.99 -8.25 16.22
C SER A 226 7.29 -9.04 16.16
N ARG A 227 7.24 -10.29 16.61
CA ARG A 227 8.41 -11.16 16.57
C ARG A 227 8.39 -11.94 15.26
N ALA A 228 7.25 -11.90 14.58
CA ALA A 228 7.06 -12.63 13.33
C ALA A 228 8.16 -12.42 12.30
N ILE A 229 8.82 -11.26 12.34
CA ILE A 229 9.87 -10.97 11.38
C ILE A 229 11.14 -11.76 11.64
N PHE A 230 11.17 -12.50 12.74
CA PHE A 230 12.35 -13.28 13.06
C PHE A 230 12.24 -14.72 12.59
N GLY A 231 13.35 -15.25 12.09
CA GLY A 231 13.39 -16.62 11.62
C GLY A 231 12.84 -17.53 12.70
N GLU A 232 12.46 -18.74 12.30
CA GLU A 232 11.91 -19.70 13.25
C GLU A 232 12.89 -20.83 13.59
N ALA A 233 12.81 -21.93 12.85
CA ALA A 233 13.69 -23.08 13.09
C ALA A 233 14.87 -23.09 12.12
S SO4 B . -8.30 14.16 -7.84
O1 SO4 B . -6.93 14.69 -7.87
O2 SO4 B . -8.49 13.32 -6.65
O3 SO4 B . -9.26 15.24 -7.78
O4 SO4 B . -8.53 13.36 -9.09
C1 RET C . -7.52 3.05 -8.00
C2 RET C . -8.49 3.51 -9.17
C3 RET C . -9.80 2.86 -9.27
C4 RET C . -9.72 1.35 -9.21
C5 RET C . -8.83 0.78 -8.10
C6 RET C . -7.79 1.54 -7.48
C7 RET C . -6.99 0.82 -6.35
C8 RET C . -5.96 1.23 -5.59
C9 RET C . -5.34 0.55 -4.46
C10 RET C . -4.29 1.23 -3.89
C11 RET C . -3.48 0.92 -2.74
C12 RET C . -2.53 1.82 -2.39
C13 RET C . -1.60 1.76 -1.23
C14 RET C . -0.62 2.74 -1.14
C15 RET C . 0.55 2.79 -0.25
C16 RET C . -6.08 3.17 -8.53
C17 RET C . -7.70 4.08 -6.87
C18 RET C . -9.18 -0.65 -7.71
C19 RET C . -5.88 -0.76 -3.92
C20 RET C . -1.67 0.59 -0.28
C1 L3P D . 18.34 -2.35 5.77
C2 L3P D . 19.66 -2.55 6.53
C3 L3P D . 20.49 -3.66 5.83
O1 L3P D . 17.48 -1.30 6.35
O2 L3P D . 20.42 -1.25 6.57
O3 L3P D . 21.31 -4.32 6.91
O4 L3P D . 23.87 -3.69 6.65
O1P L3P D . 23.11 -5.81 5.82
O2P L3P D . 23.42 -5.53 8.35
P1 L3P D . 22.94 -4.85 6.89
C11 L3P D . 16.52 -0.56 5.53
C12 L3P D . 17.20 0.75 5.07
C13 L3P D . 16.38 1.64 4.16
C14 L3P D . 16.03 0.92 2.87
C15 L3P D . 17.23 2.89 3.88
C16 L3P D . 16.58 3.90 2.98
C17 L3P D . 17.52 5.09 2.87
C18 L3P D . 16.91 6.42 2.32
C19 L3P D . 16.44 6.28 0.88
C20 L3P D . 17.93 7.54 2.32
C21 L3P D . 17.70 8.49 3.49
C22 L3P D . 17.04 9.82 3.03
C23 L3P D . 15.54 9.90 3.51
C24 L3P D . 14.59 9.79 2.32
C25 L3P D . 15.26 11.22 4.20
C26 L3P D . 14.44 10.91 5.47
C27 L3P D . 13.18 11.82 5.55
C28 L3P D . 13.38 12.94 6.61
C29 L3P D . 13.60 14.25 5.91
C30 L3P D . 12.14 13.06 7.50
C41 L3P D . 21.78 -0.99 7.23
C42 L3P D . 21.77 -0.89 8.81
C43 L3P D . 23.06 -0.14 9.31
C44 L3P D . 23.94 -1.06 10.17
C45 L3P D . 22.67 1.07 10.15
C46 L3P D . 22.54 2.26 9.20
C47 L3P D . 22.15 3.50 9.93
C48 L3P D . 22.02 4.66 8.97
C49 L3P D . 23.28 5.01 8.15
C50 L3P D . 21.61 5.84 9.76
C1 L2P E . -0.20 7.64 -19.59
O1 L2P E . 0.02 6.69 -18.46
C2 L2P E . -1.00 7.35 -20.93
O2 L2P E . -0.06 6.65 -21.94
C3 L2P E . -1.55 8.71 -21.54
O3 L2P E . -2.85 8.83 -21.98
C11 L2P E . 1.38 6.37 -18.19
C12 L2P E . 1.66 4.89 -17.86
C41 L2P E . 0.67 5.32 -21.68
C42 L2P E . -0.42 4.17 -21.32
C43 L2P E . 0.01 2.64 -20.97
C44 L2P E . 0.91 2.02 -22.11
C45 L2P E . -1.39 1.93 -20.71
C46 L2P E . -1.40 0.40 -20.34
C47 L2P E . -0.97 0.08 -18.87
C48 L2P E . -1.01 -1.45 -18.21
C49 L2P E . -2.13 -1.76 -17.20
C50 L2P E . 0.48 -1.72 -17.56
C51 L2P E . 0.86 -3.07 -16.84
C52 L2P E . 2.12 -2.66 -16.01
C53 L2P E . 2.94 -3.60 -15.08
C54 L2P E . 3.92 -2.55 -14.59
C55 L2P E . 3.69 -4.75 -15.90
C56 L2P E . 4.87 -5.53 -15.20
C57 L2P E . 6.13 -5.82 -16.14
C58 L2P E . 7.38 -6.61 -15.54
C59 L2P E . 7.57 -7.93 -16.15
C60 L2P E . 8.72 -5.86 -15.71
C11 L3P F . -15.38 0.17 -27.60
C12 L3P F . -15.87 -0.93 -26.55
C13 L3P F . -15.01 -2.29 -26.67
C14 L3P F . -15.14 -2.91 -28.12
C15 L3P F . -15.55 -3.32 -25.61
C16 L3P F . -14.45 -3.65 -24.55
C17 L3P F . -14.95 -3.27 -23.15
C18 L3P F . -15.46 -4.60 -22.30
C19 L3P F . -17.01 -4.78 -22.35
C20 L3P F . -14.94 -4.41 -20.76
C21 L3P F . -13.89 -5.50 -20.31
C22 L3P F . -13.50 -5.19 -18.83
C23 L3P F . -14.17 -6.22 -17.83
C24 L3P F . -15.28 -5.46 -17.09
C25 L3P F . -13.06 -6.79 -16.79
C26 L3P F . -13.69 -7.84 -15.77
C27 L3P F . -13.47 -9.33 -16.33
C28 L3P F . -14.13 -10.41 -15.34
C29 L3P F . -14.99 -11.32 -16.10
C30 L3P F . -13.03 -11.24 -14.64
C11 L3P G . -22.89 0.69 -13.77
C12 L3P G . -23.22 -0.64 -13.14
C13 L3P G . -21.96 -1.40 -12.83
C14 L3P G . -21.89 -2.57 -13.77
C15 L3P G . -22.00 -1.85 -11.34
C16 L3P G . -20.72 -2.63 -10.93
C17 L3P G . -20.81 -3.07 -9.45
C18 L3P G . -20.15 -4.51 -9.21
C19 L3P G . -20.92 -5.56 -10.04
C20 L3P G . -20.24 -4.93 -7.72
C21 L3P G . -18.97 -5.69 -7.28
C22 L3P G . -19.10 -6.10 -5.73
C23 L3P G . -18.02 -7.29 -5.31
C24 L3P G . -18.54 -8.67 -5.86
C25 L3P G . -17.80 -7.43 -3.60
C26 L3P G . -16.18 -7.20 -3.14
C27 L3P G . -15.95 -7.32 -1.52
C28 L3P G . -14.40 -7.09 -1.01
C29 L3P G . -14.33 -6.21 0.30
C30 L3P G . -13.71 -8.47 -0.72
N PRO A 8 -6.47 26.08 0.23
CA PRO A 8 -5.09 25.72 0.60
C PRO A 8 -5.00 24.27 1.06
N GLU A 9 -5.06 23.35 0.09
CA GLU A 9 -5.02 21.92 0.38
C GLU A 9 -3.61 21.43 0.67
N TRP A 10 -2.70 22.35 0.97
CA TRP A 10 -1.32 21.96 1.24
C TRP A 10 -1.09 21.32 2.60
N ILE A 11 -1.97 21.56 3.56
CA ILE A 11 -1.78 20.97 4.88
C ILE A 11 -1.87 19.46 4.89
N TRP A 12 -2.79 18.91 4.10
CA TRP A 12 -2.93 17.46 4.02
C TRP A 12 -1.62 16.93 3.43
N LEU A 13 -1.12 17.61 2.40
CA LEU A 13 0.13 17.22 1.76
C LEU A 13 1.30 17.33 2.74
N ALA A 14 1.42 18.47 3.41
CA ALA A 14 2.49 18.69 4.39
C ALA A 14 2.36 17.64 5.49
N LEU A 15 1.12 17.36 5.87
CA LEU A 15 0.86 16.36 6.90
C LEU A 15 1.35 14.99 6.39
N GLY A 16 0.96 14.66 5.16
CA GLY A 16 1.35 13.38 4.59
C GLY A 16 2.87 13.33 4.46
N THR A 17 3.45 14.38 3.92
CA THR A 17 4.89 14.44 3.79
C THR A 17 5.53 14.21 5.15
N ALA A 18 5.16 15.04 6.13
CA ALA A 18 5.71 14.94 7.47
C ALA A 18 5.54 13.55 8.07
N LEU A 19 4.36 12.97 7.93
CA LEU A 19 4.12 11.66 8.51
C LEU A 19 4.96 10.56 7.84
N MET A 20 5.07 10.63 6.51
CA MET A 20 5.87 9.62 5.82
C MET A 20 7.32 9.79 6.24
N GLY A 21 7.79 11.03 6.31
CA GLY A 21 9.17 11.28 6.71
C GLY A 21 9.48 10.72 8.09
N LEU A 22 8.67 11.06 9.08
CA LEU A 22 8.88 10.57 10.44
C LEU A 22 8.81 9.06 10.48
N GLY A 23 7.89 8.50 9.70
CA GLY A 23 7.73 7.06 9.67
C GLY A 23 9.00 6.38 9.22
N THR A 24 9.67 6.93 8.20
CA THR A 24 10.90 6.29 7.74
C THR A 24 11.97 6.39 8.82
N LEU A 25 12.16 7.60 9.34
CA LEU A 25 13.16 7.79 10.41
C LEU A 25 12.92 6.76 11.51
N TYR A 26 11.69 6.69 12.00
CA TYR A 26 11.37 5.73 13.04
C TYR A 26 11.79 4.31 12.63
N PHE A 27 11.25 3.82 11.52
CA PHE A 27 11.61 2.47 11.06
C PHE A 27 13.10 2.36 10.86
N LEU A 28 13.68 3.38 10.27
CA LEU A 28 15.10 3.42 10.01
C LEU A 28 15.90 3.21 11.29
N VAL A 29 15.68 4.07 12.27
CA VAL A 29 16.40 3.97 13.53
C VAL A 29 16.08 2.64 14.22
N LYS A 30 14.82 2.23 14.14
CA LYS A 30 14.38 0.99 14.76
C LYS A 30 15.10 -0.25 14.22
N GLY A 31 15.43 -0.24 12.93
CA GLY A 31 16.11 -1.38 12.34
C GLY A 31 17.60 -1.49 12.58
N MET A 32 18.18 -0.58 13.36
CA MET A 32 19.60 -0.63 13.64
C MET A 32 19.99 -1.79 14.54
N GLY A 33 19.28 -1.95 15.65
CA GLY A 33 19.59 -3.03 16.57
C GLY A 33 19.09 -4.40 16.14
N VAL A 34 19.36 -4.77 14.88
CA VAL A 34 18.90 -6.08 14.37
C VAL A 34 19.90 -6.77 13.44
N SER A 35 20.22 -8.02 13.77
CA SER A 35 21.16 -8.79 12.97
C SER A 35 20.56 -9.99 12.24
N ASP A 36 19.31 -10.32 12.54
CA ASP A 36 18.67 -11.45 11.88
C ASP A 36 18.46 -11.13 10.39
N PRO A 37 19.06 -11.92 9.50
CA PRO A 37 18.90 -11.65 8.06
C PRO A 37 17.45 -11.62 7.56
N ASP A 38 16.57 -12.37 8.22
CA ASP A 38 15.16 -12.42 7.83
C ASP A 38 14.50 -11.11 8.24
N ALA A 39 14.88 -10.62 9.42
CA ALA A 39 14.33 -9.38 9.94
C ALA A 39 14.76 -8.18 9.09
N LYS A 40 16.04 -8.14 8.76
CA LYS A 40 16.60 -7.06 7.95
C LYS A 40 15.85 -6.91 6.64
N LYS A 41 15.50 -8.05 6.05
CA LYS A 41 14.76 -8.06 4.80
C LYS A 41 13.43 -7.31 5.01
N PHE A 42 12.72 -7.65 6.08
CA PHE A 42 11.45 -6.97 6.37
C PHE A 42 11.63 -5.46 6.60
N TYR A 43 12.71 -5.07 7.28
CA TYR A 43 12.96 -3.65 7.54
C TYR A 43 13.28 -2.90 6.25
N ALA A 44 14.08 -3.52 5.40
CA ALA A 44 14.44 -2.90 4.14
C ALA A 44 13.17 -2.61 3.33
N ILE A 45 12.36 -3.65 3.11
CA ILE A 45 11.13 -3.50 2.33
C ILE A 45 10.18 -2.49 2.95
N THR A 46 9.91 -2.67 4.23
CA THR A 46 8.98 -1.79 4.95
C THR A 46 9.47 -0.36 5.08
N THR A 47 10.78 -0.16 5.21
CA THR A 47 11.32 1.19 5.35
C THR A 47 11.31 1.95 4.02
N LEU A 48 11.55 1.24 2.93
CA LEU A 48 11.56 1.87 1.62
C LEU A 48 10.19 2.44 1.26
N VAL A 49 9.15 1.91 1.89
CA VAL A 49 7.81 2.35 1.57
C VAL A 49 7.49 3.83 1.91
N PRO A 50 7.73 4.27 3.17
CA PRO A 50 7.42 5.68 3.55
C PRO A 50 8.45 6.65 2.89
N ALA A 51 9.67 6.14 2.67
CA ALA A 51 10.73 6.94 2.04
C ALA A 51 10.17 7.38 0.70
N ILE A 52 9.87 6.41 -0.15
CA ILE A 52 9.30 6.69 -1.46
C ILE A 52 8.06 7.58 -1.30
N ALA A 53 7.11 7.17 -0.46
CA ALA A 53 5.91 7.98 -0.27
C ALA A 53 6.31 9.38 0.15
N PHE A 54 7.35 9.48 0.98
CA PHE A 54 7.86 10.77 1.43
C PHE A 54 8.24 11.66 0.26
N THR A 55 9.02 11.11 -0.68
CA THR A 55 9.44 11.91 -1.82
C THR A 55 8.23 12.29 -2.64
N MET A 56 7.29 11.34 -2.80
CA MET A 56 6.08 11.62 -3.60
C MET A 56 5.24 12.69 -2.93
N TYR A 57 5.01 12.56 -1.63
CA TYR A 57 4.22 13.57 -0.93
C TYR A 57 4.94 14.92 -0.93
N LEU A 58 6.26 14.89 -0.82
CA LEU A 58 7.01 16.14 -0.84
C LEU A 58 6.91 16.79 -2.22
N SER A 59 6.93 16.00 -3.30
CA SER A 59 6.85 16.58 -4.63
C SER A 59 5.47 17.19 -4.82
N MET A 60 4.43 16.54 -4.31
CA MET A 60 3.10 17.11 -4.45
C MET A 60 3.01 18.38 -3.61
N LEU A 61 3.59 18.36 -2.41
CA LEU A 61 3.57 19.54 -1.55
C LEU A 61 4.31 20.71 -2.21
N LEU A 62 5.50 20.46 -2.73
CA LEU A 62 6.26 21.52 -3.36
C LEU A 62 5.65 21.94 -4.69
N GLY A 63 4.76 21.10 -5.20
CA GLY A 63 4.11 21.40 -6.46
C GLY A 63 2.90 22.31 -6.35
N TYR A 64 2.17 22.20 -5.24
CA TYR A 64 0.97 23.02 -5.03
C TYR A 64 1.25 24.51 -5.17
N GLY A 65 0.70 25.12 -6.22
CA GLY A 65 0.90 26.54 -6.45
C GLY A 65 1.34 26.83 -7.87
N PRO A 77 -6.12 17.69 -14.64
CA PRO A 77 -5.14 17.76 -13.55
C PRO A 77 -4.40 16.44 -13.36
N ILE A 78 -4.91 15.60 -12.45
CA ILE A 78 -4.33 14.30 -12.16
C ILE A 78 -2.94 14.42 -11.51
N TYR A 79 -2.81 13.90 -10.30
CA TYR A 79 -1.54 13.92 -9.57
C TYR A 79 -0.70 12.71 -9.96
N TRP A 80 0.29 12.94 -10.81
CA TRP A 80 1.15 11.87 -11.26
C TRP A 80 1.88 11.24 -10.08
N ALA A 81 2.31 12.05 -9.13
CA ALA A 81 3.02 11.55 -7.96
C ALA A 81 2.16 10.57 -7.14
N ARG A 82 0.87 10.82 -7.12
CA ARG A 82 -0.03 9.95 -6.37
C ARG A 82 -0.01 8.53 -6.92
N TYR A 83 -0.15 8.39 -8.23
CA TYR A 83 -0.17 7.06 -8.85
C TYR A 83 1.19 6.42 -8.87
N ALA A 84 2.22 7.23 -9.08
CA ALA A 84 3.59 6.74 -9.11
C ALA A 84 3.89 6.21 -7.71
N ASP A 85 3.47 6.95 -6.70
CA ASP A 85 3.68 6.54 -5.33
C ASP A 85 3.06 5.16 -5.16
N TRP A 86 1.85 5.00 -5.69
CA TRP A 86 1.16 3.72 -5.57
C TRP A 86 1.88 2.64 -6.35
N LEU A 87 2.25 2.95 -7.59
CA LEU A 87 2.95 1.98 -8.42
C LEU A 87 4.23 1.41 -7.79
N PHE A 88 5.04 2.28 -7.21
CA PHE A 88 6.30 1.81 -6.63
C PHE A 88 6.17 1.24 -5.22
N THR A 89 5.07 1.54 -4.57
CA THR A 89 4.85 1.12 -3.20
C THR A 89 4.04 -0.15 -2.95
N THR A 90 2.96 -0.34 -3.71
CA THR A 90 2.11 -1.50 -3.54
C THR A 90 2.84 -2.82 -3.74
N PRO A 91 3.82 -2.88 -4.64
CA PRO A 91 4.51 -4.17 -4.84
C PRO A 91 5.30 -4.55 -3.60
N LEU A 92 5.86 -3.55 -2.91
CA LEU A 92 6.63 -3.79 -1.69
C LEU A 92 5.75 -4.27 -0.56
N LEU A 93 4.60 -3.63 -0.38
CA LEU A 93 3.70 -4.07 0.68
C LEU A 93 3.34 -5.53 0.38
N LEU A 94 3.06 -5.82 -0.88
CA LEU A 94 2.71 -7.17 -1.27
C LEU A 94 3.87 -8.12 -0.96
N LEU A 95 5.07 -7.70 -1.34
CA LEU A 95 6.27 -8.51 -1.09
C LEU A 95 6.37 -8.85 0.40
N ASP A 96 6.18 -7.85 1.26
CA ASP A 96 6.22 -8.05 2.71
C ASP A 96 5.26 -9.15 3.12
N LEU A 97 4.02 -9.03 2.67
CA LEU A 97 3.00 -10.02 3.01
C LEU A 97 3.44 -11.42 2.55
N ALA A 98 3.98 -11.50 1.35
CA ALA A 98 4.42 -12.78 0.80
C ALA A 98 5.55 -13.43 1.58
N LEU A 99 6.53 -12.64 1.98
CA LEU A 99 7.68 -13.17 2.72
C LEU A 99 7.25 -13.63 4.11
N LEU A 100 6.34 -12.90 4.72
CA LEU A 100 5.86 -13.28 6.04
C LEU A 100 5.22 -14.65 6.04
N VAL A 101 4.54 -14.97 4.95
CA VAL A 101 3.83 -16.23 4.84
C VAL A 101 4.61 -17.29 4.04
N ASP A 102 5.79 -16.90 3.56
CA ASP A 102 6.64 -17.79 2.77
C ASP A 102 5.94 -18.34 1.54
N ALA A 103 5.45 -17.44 0.68
CA ALA A 103 4.74 -17.81 -0.54
C ALA A 103 5.66 -18.17 -1.70
N ASP A 104 5.14 -18.95 -2.65
CA ASP A 104 5.90 -19.36 -3.83
C ASP A 104 6.28 -18.18 -4.74
N GLN A 105 7.30 -18.35 -5.56
CA GLN A 105 7.70 -17.27 -6.47
C GLN A 105 6.60 -16.94 -7.48
N GLY A 106 5.92 -17.98 -7.95
CA GLY A 106 4.86 -17.75 -8.90
C GLY A 106 3.75 -16.86 -8.36
N THR A 107 3.34 -17.12 -7.12
CA THR A 107 2.28 -16.32 -6.53
C THR A 107 2.77 -14.89 -6.40
N ILE A 108 4.01 -14.71 -5.94
CA ILE A 108 4.59 -13.39 -5.80
C ILE A 108 4.51 -12.63 -7.12
N LEU A 109 4.94 -13.29 -8.21
CA LEU A 109 4.91 -12.67 -9.53
C LEU A 109 3.49 -12.35 -10.00
N ALA A 110 2.55 -13.26 -9.72
CA ALA A 110 1.17 -13.04 -10.11
C ALA A 110 0.63 -11.81 -9.38
N LEU A 111 0.88 -11.73 -8.09
CA LEU A 111 0.42 -10.58 -7.29
C LEU A 111 1.02 -9.26 -7.77
N VAL A 112 2.33 -9.23 -7.92
CA VAL A 112 3.02 -8.03 -8.37
C VAL A 112 2.53 -7.61 -9.76
N GLY A 113 2.33 -8.58 -10.64
CA GLY A 113 1.85 -8.25 -11.98
C GLY A 113 0.43 -7.70 -11.91
N ALA A 114 -0.43 -8.36 -11.16
CA ALA A 114 -1.81 -7.91 -11.01
C ALA A 114 -1.79 -6.48 -10.48
N ASP A 115 -0.86 -6.22 -9.57
CA ASP A 115 -0.72 -4.90 -8.95
C ASP A 115 -0.30 -3.85 -9.97
N GLY A 116 0.71 -4.17 -10.78
CA GLY A 116 1.13 -3.21 -11.79
C GLY A 116 -0.06 -2.87 -12.68
N ILE A 117 -0.87 -3.88 -13.00
CA ILE A 117 -2.04 -3.69 -13.86
C ILE A 117 -3.11 -2.86 -13.16
N MET A 118 -3.27 -3.10 -11.86
CA MET A 118 -4.27 -2.36 -11.08
C MET A 118 -3.98 -0.86 -11.10
N ILE A 119 -2.75 -0.51 -10.78
CA ILE A 119 -2.36 0.89 -10.73
C ILE A 119 -2.31 1.48 -12.13
N GLY A 120 -1.63 0.79 -13.04
CA GLY A 120 -1.52 1.29 -14.40
C GLY A 120 -2.88 1.61 -14.99
N THR A 121 -3.76 0.63 -14.98
CA THR A 121 -5.09 0.81 -15.51
C THR A 121 -5.88 1.91 -14.76
N GLY A 122 -5.64 2.03 -13.46
CA GLY A 122 -6.34 3.06 -12.71
C GLY A 122 -5.92 4.45 -13.19
N LEU A 123 -4.63 4.63 -13.47
CA LEU A 123 -4.14 5.92 -13.92
C LEU A 123 -4.67 6.22 -15.32
N VAL A 124 -4.60 5.26 -16.22
CA VAL A 124 -5.11 5.46 -17.57
C VAL A 124 -6.56 5.91 -17.47
N GLY A 125 -7.32 5.26 -16.60
CA GLY A 125 -8.71 5.64 -16.43
C GLY A 125 -8.77 7.11 -16.07
N ALA A 126 -7.93 7.51 -15.12
CA ALA A 126 -7.89 8.89 -14.68
C ALA A 126 -7.61 9.82 -15.85
N LEU A 127 -6.86 9.35 -16.83
CA LEU A 127 -6.52 10.16 -17.99
C LEU A 127 -7.46 9.97 -19.19
N THR A 128 -8.65 9.45 -18.95
CA THR A 128 -9.61 9.23 -20.02
C THR A 128 -10.78 10.22 -19.91
N LYS A 129 -11.07 10.90 -21.03
CA LYS A 129 -12.14 11.89 -21.06
C LYS A 129 -13.53 11.28 -20.98
N VAL A 130 -13.75 10.20 -21.72
CA VAL A 130 -15.04 9.54 -21.76
C VAL A 130 -15.36 8.76 -20.47
N TYR A 131 -16.58 8.93 -19.97
CA TYR A 131 -16.99 8.25 -18.75
C TYR A 131 -17.10 6.74 -19.01
N SER A 132 -17.63 6.40 -20.17
CA SER A 132 -17.80 5.01 -20.57
C SER A 132 -16.49 4.23 -20.42
N TYR A 133 -15.47 4.67 -21.15
CA TYR A 133 -14.17 4.03 -21.09
C TYR A 133 -13.61 4.13 -19.67
N ARG A 134 -13.86 5.25 -19.03
CA ARG A 134 -13.41 5.48 -17.67
C ARG A 134 -13.81 4.30 -16.81
N PHE A 135 -15.10 3.99 -16.81
CA PHE A 135 -15.63 2.88 -16.02
C PHE A 135 -14.96 1.56 -16.44
N VAL A 136 -14.64 1.44 -17.73
CA VAL A 136 -14.00 0.22 -18.19
C VAL A 136 -12.66 0.04 -17.50
N TRP A 137 -11.84 1.09 -17.49
CA TRP A 137 -10.54 0.99 -16.84
C TRP A 137 -10.71 0.73 -15.36
N TRP A 138 -11.68 1.41 -14.74
CA TRP A 138 -11.94 1.24 -13.32
C TRP A 138 -12.30 -0.22 -13.04
N ALA A 139 -13.08 -0.81 -13.94
CA ALA A 139 -13.51 -2.21 -13.77
C ALA A 139 -12.33 -3.17 -13.84
N ILE A 140 -11.46 -2.97 -14.82
CA ILE A 140 -10.27 -3.82 -14.97
C ILE A 140 -9.36 -3.65 -13.76
N SER A 141 -9.13 -2.41 -13.37
CA SER A 141 -8.29 -2.12 -12.21
C SER A 141 -8.89 -2.70 -10.94
N THR A 142 -10.20 -2.60 -10.80
CA THR A 142 -10.87 -3.12 -9.62
C THR A 142 -10.86 -4.63 -9.65
N ALA A 143 -11.03 -5.21 -10.84
CA ALA A 143 -11.01 -6.65 -10.95
C ALA A 143 -9.64 -7.16 -10.48
N ALA A 144 -8.58 -6.46 -10.87
CA ALA A 144 -7.23 -6.88 -10.48
C ALA A 144 -7.03 -6.78 -8.97
N MET A 145 -7.61 -5.75 -8.36
CA MET A 145 -7.47 -5.60 -6.91
C MET A 145 -8.13 -6.80 -6.22
N LEU A 146 -9.34 -7.15 -6.67
CA LEU A 146 -10.05 -8.26 -6.06
C LEU A 146 -9.23 -9.54 -6.14
N TYR A 147 -8.55 -9.76 -7.26
CA TYR A 147 -7.72 -10.95 -7.42
C TYR A 147 -6.67 -10.95 -6.31
N ILE A 148 -6.01 -9.81 -6.14
CA ILE A 148 -4.99 -9.65 -5.11
C ILE A 148 -5.57 -9.90 -3.73
N LEU A 149 -6.62 -9.15 -3.37
CA LEU A 149 -7.23 -9.31 -2.06
C LEU A 149 -7.72 -10.73 -1.85
N TYR A 150 -8.08 -11.40 -2.93
CA TYR A 150 -8.57 -12.77 -2.86
C TYR A 150 -7.41 -13.69 -2.44
N VAL A 151 -6.28 -13.58 -3.13
CA VAL A 151 -5.10 -14.40 -2.81
C VAL A 151 -4.62 -14.13 -1.39
N LEU A 152 -4.57 -12.86 -1.00
CA LEU A 152 -4.11 -12.52 0.35
C LEU A 152 -5.05 -13.05 1.42
N PHE A 153 -6.34 -12.79 1.26
CA PHE A 153 -7.30 -13.23 2.24
C PHE A 153 -7.48 -14.74 2.33
N PHE A 154 -7.67 -15.40 1.20
CA PHE A 154 -7.90 -16.85 1.20
C PHE A 154 -6.69 -17.75 0.98
N GLY A 155 -5.77 -17.32 0.13
CA GLY A 155 -4.59 -18.13 -0.13
C GLY A 155 -3.48 -17.95 0.89
N PHE A 156 -3.21 -16.72 1.30
CA PHE A 156 -2.13 -16.50 2.26
C PHE A 156 -2.50 -16.95 3.68
N THR A 157 -3.78 -16.85 4.03
CA THR A 157 -4.20 -17.28 5.35
C THR A 157 -3.89 -18.77 5.53
N SER A 158 -3.99 -19.53 4.45
CA SER A 158 -3.69 -20.96 4.52
C SER A 158 -2.20 -21.14 4.76
N LYS A 159 -1.41 -20.33 4.05
CA LYS A 159 0.05 -20.37 4.15
C LYS A 159 0.49 -20.03 5.58
N ALA A 160 -0.13 -18.98 6.14
CA ALA A 160 0.19 -18.53 7.49
C ALA A 160 -0.10 -19.60 8.53
N GLU A 161 -1.17 -20.34 8.32
CA GLU A 161 -1.57 -21.39 9.25
C GLU A 161 -0.51 -22.48 9.38
N SER A 162 0.48 -22.45 8.49
CA SER A 162 1.55 -23.44 8.55
C SER A 162 2.76 -22.91 9.31
N MET A 163 2.72 -21.63 9.70
CA MET A 163 3.81 -21.00 10.44
C MET A 163 3.53 -21.07 11.93
N ARG A 164 4.40 -20.47 12.73
CA ARG A 164 4.24 -20.47 14.18
C ARG A 164 3.11 -19.46 14.50
N PRO A 165 2.45 -19.60 15.66
CA PRO A 165 1.37 -18.71 16.07
C PRO A 165 1.61 -17.20 15.90
N GLU A 166 2.75 -16.72 16.36
CA GLU A 166 3.08 -15.31 16.23
C GLU A 166 2.99 -14.83 14.78
N VAL A 167 3.40 -15.67 13.84
CA VAL A 167 3.36 -15.34 12.42
C VAL A 167 1.92 -15.30 11.92
N ALA A 168 1.14 -16.34 12.22
CA ALA A 168 -0.25 -16.39 11.79
C ALA A 168 -1.04 -15.20 12.31
N SER A 169 -0.96 -14.96 13.61
CA SER A 169 -1.70 -13.85 14.20
C SER A 169 -1.23 -12.50 13.65
N THR A 170 0.07 -12.32 13.44
CA THR A 170 0.51 -11.03 12.90
C THR A 170 0.04 -10.93 11.46
N PHE A 171 0.15 -12.03 10.72
CA PHE A 171 -0.31 -11.98 9.34
C PHE A 171 -1.80 -11.65 9.28
N LYS A 172 -2.59 -12.31 10.13
CA LYS A 172 -4.04 -12.09 10.13
C LYS A 172 -4.42 -10.63 10.32
N VAL A 173 -3.68 -9.93 11.18
CA VAL A 173 -3.93 -8.52 11.42
C VAL A 173 -3.54 -7.67 10.20
N LEU A 174 -2.38 -7.94 9.63
CA LEU A 174 -1.92 -7.20 8.45
C LEU A 174 -2.87 -7.44 7.30
N ARG A 175 -3.32 -8.68 7.18
CA ARG A 175 -4.26 -9.08 6.14
C ARG A 175 -5.53 -8.23 6.21
N ASN A 176 -6.16 -8.22 7.39
CA ASN A 176 -7.39 -7.45 7.62
C ASN A 176 -7.19 -5.97 7.32
N VAL A 177 -6.03 -5.45 7.73
CA VAL A 177 -5.73 -4.05 7.51
C VAL A 177 -5.63 -3.73 6.02
N THR A 178 -4.85 -4.50 5.26
CA THR A 178 -4.73 -4.18 3.85
C THR A 178 -6.05 -4.37 3.10
N VAL A 179 -6.80 -5.43 3.43
CA VAL A 179 -8.09 -5.68 2.77
C VAL A 179 -9.03 -4.47 2.88
N VAL A 180 -9.18 -3.95 4.09
CA VAL A 180 -10.05 -2.81 4.32
C VAL A 180 -9.49 -1.53 3.70
N LEU A 181 -8.26 -1.19 4.01
CA LEU A 181 -7.68 0.04 3.47
C LEU A 181 -7.62 0.02 1.95
N TRP A 182 -7.15 -1.08 1.39
CA TRP A 182 -7.04 -1.17 -0.06
C TRP A 182 -8.39 -1.05 -0.78
N SER A 183 -9.42 -1.71 -0.24
CA SER A 183 -10.74 -1.65 -0.87
C SER A 183 -11.35 -0.25 -0.85
N ALA A 184 -10.89 0.59 0.07
CA ALA A 184 -11.40 1.96 0.18
C ALA A 184 -10.94 2.87 -0.95
N TYR A 185 -9.80 2.55 -1.58
CA TYR A 185 -9.29 3.38 -2.66
C TYR A 185 -10.25 3.51 -3.84
N PRO A 186 -10.64 2.38 -4.46
CA PRO A 186 -11.56 2.53 -5.59
C PRO A 186 -12.84 3.30 -5.22
N VAL A 187 -13.32 3.13 -3.97
CA VAL A 187 -14.53 3.83 -3.56
C VAL A 187 -14.29 5.34 -3.51
N VAL A 188 -13.25 5.73 -2.77
CA VAL A 188 -12.89 7.14 -2.68
C VAL A 188 -12.73 7.68 -4.11
N TRP A 189 -12.04 6.90 -4.93
CA TRP A 189 -11.80 7.28 -6.32
C TRP A 189 -13.14 7.49 -7.01
N LEU A 190 -14.04 6.52 -6.83
CA LEU A 190 -15.36 6.53 -7.43
C LEU A 190 -16.24 7.69 -6.97
N ILE A 191 -16.06 8.13 -5.74
CA ILE A 191 -16.86 9.24 -5.21
C ILE A 191 -16.18 10.59 -5.33
N GLY A 192 -14.93 10.59 -5.76
CA GLY A 192 -14.20 11.84 -5.90
C GLY A 192 -14.39 12.48 -7.26
N SER A 193 -13.56 13.46 -7.57
CA SER A 193 -13.67 14.17 -8.85
C SER A 193 -13.43 13.29 -10.08
N GLU A 194 -13.45 11.99 -9.90
CA GLU A 194 -13.25 11.09 -11.04
C GLU A 194 -14.50 10.28 -11.29
N GLY A 195 -15.36 10.19 -10.28
CA GLY A 195 -16.60 9.46 -10.41
C GLY A 195 -17.77 10.41 -10.19
N ALA A 196 -18.38 10.34 -9.01
CA ALA A 196 -19.48 11.21 -8.65
C ALA A 196 -18.79 12.36 -7.91
N GLY A 197 -19.38 13.54 -7.91
CA GLY A 197 -18.73 14.65 -7.23
C GLY A 197 -18.99 14.72 -5.73
N ILE A 198 -19.49 13.64 -5.15
CA ILE A 198 -19.79 13.59 -3.72
C ILE A 198 -18.67 14.15 -2.84
N VAL A 199 -17.45 14.09 -3.33
CA VAL A 199 -16.29 14.55 -2.55
C VAL A 199 -15.40 15.53 -3.31
N PRO A 200 -15.21 16.74 -2.75
CA PRO A 200 -14.36 17.76 -3.39
C PRO A 200 -12.88 17.38 -3.35
N LEU A 201 -12.12 17.83 -4.34
CA LEU A 201 -10.70 17.52 -4.42
C LEU A 201 -9.99 17.54 -3.08
N ASN A 202 -10.15 18.63 -2.33
CA ASN A 202 -9.51 18.78 -1.03
C ASN A 202 -9.81 17.61 -0.10
N ILE A 203 -11.08 17.23 0.02
CA ILE A 203 -11.44 16.11 0.88
C ILE A 203 -10.89 14.80 0.31
N GLU A 204 -10.83 14.71 -1.02
CA GLU A 204 -10.32 13.52 -1.68
C GLU A 204 -8.85 13.35 -1.27
N THR A 205 -8.12 14.46 -1.39
CA THR A 205 -6.72 14.46 -1.05
C THR A 205 -6.49 14.00 0.38
N LEU A 206 -7.28 14.55 1.30
CA LEU A 206 -7.19 14.21 2.71
C LEU A 206 -7.43 12.72 2.91
N LEU A 207 -8.42 12.20 2.20
CA LEU A 207 -8.76 10.79 2.31
C LEU A 207 -7.62 9.89 1.85
N PHE A 208 -7.08 10.14 0.66
CA PHE A 208 -5.97 9.34 0.17
C PHE A 208 -4.77 9.45 1.12
N MET A 209 -4.57 10.63 1.70
CA MET A 209 -3.48 10.87 2.63
C MET A 209 -3.65 9.98 3.86
N VAL A 210 -4.86 9.90 4.35
CA VAL A 210 -5.11 9.06 5.52
C VAL A 210 -4.93 7.60 5.14
N LEU A 211 -5.40 7.22 3.96
CA LEU A 211 -5.26 5.84 3.50
C LEU A 211 -3.77 5.51 3.30
N ASP A 212 -3.06 6.34 2.55
CA ASP A 212 -1.64 6.11 2.32
C ASP A 212 -0.84 5.92 3.61
N VAL A 213 -0.97 6.88 4.54
CA VAL A 213 -0.23 6.79 5.79
C VAL A 213 -0.55 5.54 6.58
N SER A 214 -1.84 5.22 6.66
CA SER A 214 -2.27 4.03 7.39
C SER A 214 -1.81 2.76 6.70
N ALA A 215 -1.99 2.73 5.38
CA ALA A 215 -1.60 1.57 4.58
C ALA A 215 -0.09 1.31 4.56
N LYS A 216 0.69 2.35 4.83
CA LYS A 216 2.16 2.23 4.83
C LYS A 216 2.81 2.28 6.21
N VAL A 217 2.72 3.43 6.87
CA VAL A 217 3.30 3.57 8.20
C VAL A 217 2.50 2.74 9.21
N GLY A 218 1.18 2.85 9.16
CA GLY A 218 0.34 2.07 10.06
C GLY A 218 0.67 0.59 9.90
N PHE A 219 0.57 0.13 8.65
CA PHE A 219 0.87 -1.26 8.30
C PHE A 219 2.29 -1.60 8.76
N GLY A 220 3.24 -0.71 8.50
CA GLY A 220 4.62 -0.94 8.89
C GLY A 220 4.82 -1.03 10.39
N LEU A 221 4.12 -0.17 11.13
CA LEU A 221 4.22 -0.15 12.59
C LEU A 221 3.80 -1.51 13.13
N ILE A 222 2.66 -2.00 12.66
CA ILE A 222 2.19 -3.30 13.11
C ILE A 222 3.21 -4.38 12.81
N LEU A 223 3.76 -4.36 11.59
CA LEU A 223 4.73 -5.39 11.21
C LEU A 223 6.04 -5.36 11.98
N LEU A 224 6.78 -4.27 11.89
CA LEU A 224 8.09 -4.19 12.55
C LEU A 224 8.10 -4.24 14.07
N ARG A 225 6.94 -4.12 14.69
CA ARG A 225 6.90 -4.18 16.15
C ARG A 225 6.48 -5.57 16.60
N SER A 226 6.58 -6.54 15.70
CA SER A 226 6.20 -7.90 16.03
C SER A 226 7.41 -8.81 15.93
N ARG A 227 7.38 -9.92 16.66
CA ARG A 227 8.48 -10.88 16.60
C ARG A 227 8.30 -11.74 15.38
N ALA A 228 7.25 -11.47 14.60
CA ALA A 228 6.94 -12.25 13.41
C ALA A 228 8.00 -12.11 12.31
N ILE A 229 8.78 -11.04 12.36
CA ILE A 229 9.81 -10.82 11.35
C ILE A 229 11.06 -11.65 11.57
N PHE A 230 11.09 -12.41 12.66
CA PHE A 230 12.26 -13.25 12.93
C PHE A 230 12.06 -14.67 12.43
N GLY A 231 13.07 -15.16 11.71
CA GLY A 231 13.01 -16.51 11.18
C GLY A 231 12.76 -17.48 12.31
N GLU A 232 12.10 -18.60 12.00
CA GLU A 232 11.79 -19.59 13.01
C GLU A 232 13.05 -20.32 13.47
N ALA A 233 13.65 -21.10 12.57
CA ALA A 233 14.87 -21.84 12.87
C ALA A 233 16.03 -21.33 12.04
S SO4 B . -9.23 13.51 -7.08
O1 SO4 B . -10.55 14.02 -6.69
O2 SO4 B . -8.80 14.12 -8.35
O3 SO4 B . -8.26 13.83 -6.07
O4 SO4 B . -9.31 12.01 -7.22
C1 RET C . -7.25 2.92 -8.06
C2 RET C . -8.20 3.16 -9.32
C3 RET C . -9.54 2.56 -9.26
C4 RET C . -9.44 1.05 -9.05
C5 RET C . -8.59 0.66 -7.84
C6 RET C . -7.52 1.47 -7.36
C7 RET C . -6.64 0.95 -6.17
C8 RET C . -5.61 1.59 -5.55
C9 RET C . -4.86 1.07 -4.40
C10 RET C . -3.88 1.89 -3.89
C11 RET C . -3.04 1.51 -2.76
C12 RET C . -2.09 2.32 -2.23
C13 RET C . -1.27 1.90 -1.07
C14 RET C . -0.21 2.63 -0.52
C15 RET C . 0.15 4.00 -0.87
C16 RET C . -5.82 3.04 -8.62
C17 RET C . -7.52 4.06 -7.07
C18 RET C . -8.88 -0.72 -7.21
C19 RET C . -5.23 -0.28 -3.79
C20 RET C . -1.57 0.59 -0.38
C1 L3P D . 18.34 -2.35 5.77
C2 L3P D . 19.66 -2.55 6.53
C3 L3P D . 20.49 -3.66 5.83
O1 L3P D . 17.48 -1.30 6.35
O2 L3P D . 20.42 -1.25 6.57
O3 L3P D . 21.31 -4.32 6.91
O4 L3P D . 23.87 -3.69 6.65
O1P L3P D . 23.11 -5.81 5.82
O2P L3P D . 23.42 -5.53 8.35
P1 L3P D . 22.94 -4.85 6.89
C11 L3P D . 16.52 -0.56 5.53
C12 L3P D . 17.20 0.75 5.07
C13 L3P D . 16.38 1.64 4.16
C14 L3P D . 16.03 0.92 2.87
C15 L3P D . 17.23 2.89 3.88
C16 L3P D . 16.58 3.90 2.98
C17 L3P D . 17.52 5.09 2.87
C18 L3P D . 16.91 6.42 2.32
C19 L3P D . 16.44 6.28 0.88
C20 L3P D . 17.93 7.54 2.32
C21 L3P D . 17.70 8.49 3.49
C22 L3P D . 17.04 9.82 3.03
C23 L3P D . 15.54 9.90 3.51
C24 L3P D . 14.59 9.79 2.32
C25 L3P D . 15.26 11.22 4.20
C26 L3P D . 14.44 10.91 5.47
C27 L3P D . 13.18 11.82 5.55
C28 L3P D . 13.38 12.94 6.61
C29 L3P D . 13.60 14.25 5.91
C30 L3P D . 12.14 13.06 7.50
C41 L3P D . 21.78 -0.99 7.23
C42 L3P D . 21.77 -0.89 8.81
C43 L3P D . 23.06 -0.14 9.31
C44 L3P D . 23.94 -1.06 10.17
C45 L3P D . 22.67 1.07 10.15
C46 L3P D . 22.54 2.26 9.20
C47 L3P D . 22.15 3.50 9.93
C48 L3P D . 22.02 4.66 8.97
C49 L3P D . 23.28 5.01 8.15
C50 L3P D . 21.61 5.84 9.76
C1 L2P E . -0.20 7.64 -19.59
O1 L2P E . 0.02 6.69 -18.46
C2 L2P E . -1.00 7.35 -20.93
O2 L2P E . -0.06 6.65 -21.94
C3 L2P E . -1.55 8.71 -21.54
O3 L2P E . -2.85 8.83 -21.98
C11 L2P E . 1.38 6.37 -18.19
C12 L2P E . 1.66 4.89 -17.86
C41 L2P E . 0.67 5.32 -21.68
C42 L2P E . -0.42 4.17 -21.32
C43 L2P E . 0.01 2.64 -20.97
C44 L2P E . 0.91 2.02 -22.11
C45 L2P E . -1.39 1.93 -20.71
C46 L2P E . -1.40 0.40 -20.34
C47 L2P E . -0.97 0.08 -18.87
C48 L2P E . -1.01 -1.45 -18.21
C49 L2P E . -2.13 -1.76 -17.20
C50 L2P E . 0.48 -1.72 -17.56
C51 L2P E . 0.86 -3.07 -16.84
C52 L2P E . 2.12 -2.66 -16.01
C53 L2P E . 2.94 -3.60 -15.08
C54 L2P E . 3.92 -2.55 -14.59
C55 L2P E . 3.69 -4.75 -15.90
C56 L2P E . 4.87 -5.53 -15.20
C57 L2P E . 6.13 -5.82 -16.14
C58 L2P E . 7.38 -6.61 -15.54
C59 L2P E . 7.57 -7.93 -16.15
C60 L2P E . 8.72 -5.86 -15.71
C11 L3P F . -15.38 0.17 -27.60
C12 L3P F . -15.87 -0.93 -26.55
C13 L3P F . -15.01 -2.29 -26.67
C14 L3P F . -15.14 -2.91 -28.12
C15 L3P F . -15.55 -3.32 -25.61
C16 L3P F . -14.45 -3.65 -24.55
C17 L3P F . -14.95 -3.27 -23.15
C18 L3P F . -15.46 -4.60 -22.30
C19 L3P F . -17.01 -4.78 -22.35
C20 L3P F . -14.94 -4.41 -20.76
C21 L3P F . -13.89 -5.50 -20.31
C22 L3P F . -13.50 -5.19 -18.83
C23 L3P F . -14.17 -6.22 -17.83
C24 L3P F . -15.28 -5.46 -17.09
C25 L3P F . -13.06 -6.79 -16.79
C26 L3P F . -13.69 -7.84 -15.77
C27 L3P F . -13.47 -9.33 -16.33
C28 L3P F . -14.13 -10.41 -15.34
C29 L3P F . -14.99 -11.32 -16.10
C30 L3P F . -13.03 -11.24 -14.64
C11 L3P G . -22.89 0.69 -13.77
C12 L3P G . -23.22 -0.64 -13.14
C13 L3P G . -21.96 -1.40 -12.83
C14 L3P G . -21.89 -2.57 -13.77
C15 L3P G . -22.00 -1.85 -11.34
C16 L3P G . -20.72 -2.63 -10.93
C17 L3P G . -20.81 -3.07 -9.45
C18 L3P G . -20.15 -4.51 -9.21
C19 L3P G . -20.92 -5.56 -10.04
C20 L3P G . -20.24 -4.93 -7.72
C21 L3P G . -18.97 -5.69 -7.28
C22 L3P G . -19.10 -6.10 -5.73
C23 L3P G . -18.02 -7.29 -5.31
C24 L3P G . -18.54 -8.67 -5.86
C25 L3P G . -17.80 -7.43 -3.60
C26 L3P G . -16.18 -7.20 -3.14
C27 L3P G . -15.95 -7.32 -1.52
C28 L3P G . -14.40 -7.09 -1.01
C29 L3P G . -14.33 -6.21 0.30
C30 L3P G . -13.71 -8.47 -0.72
#